data_6M98
#
_entry.id   6M98
#
_cell.length_a   73.540
_cell.length_b   73.540
_cell.length_c   409.820
_cell.angle_alpha   90.00
_cell.angle_beta   90.00
_cell.angle_gamma   120.00
#
_symmetry.space_group_name_H-M   'H 3 2'
#
loop_
_entity.id
_entity.type
_entity.pdbx_description
1 polymer 'Chimera protein of High affinity copper uptake protein 1 and Soluble cytochrome b562'
2 non-polymer 'COPPER (I) ION'
3 non-polymer 'ZINC ION'
#
_entity_poly.entity_id   1
_entity_poly.type   'polypeptide(L)'
_entity_poly.pdbx_seq_one_letter_code
;MTFYFGYTNVELLFASLVINTPGEMVAACFGCFLLAVLYEGLKIGREFLLRRNADLEDNWETLNDNLKVIEKADNAAQVK
DALTKMRAAALDAQKATPPKLEDKSPDSPEMKDFRHGFDILVGQIDDALKLANEGKVKEAQAAAEQLKTTRNAYIQKYLQ
RMLSMAHLLQTVLHVIQVVVSYFLMLVFMTYNAYLCMAVAAGAGLGYFLFSWKKAVVVDITEHCHSNSLEVLFQ
;
_entity_poly.pdbx_strand_id   A
#
loop_
_chem_comp.id
_chem_comp.type
_chem_comp.name
_chem_comp.formula
CU1 non-polymer 'COPPER (I) ION' 'Cu 1'
ZN non-polymer 'ZINC ION' 'Zn 2'
#
# COMPACT_ATOMS: atom_id res chain seq x y z
N MET A 1 14.73 25.75 -31.56
CA MET A 1 13.92 24.63 -32.13
C MET A 1 13.86 23.40 -31.23
N THR A 2 15.04 22.92 -30.87
CA THR A 2 15.23 21.53 -30.58
C THR A 2 16.34 21.44 -29.55
N PHE A 3 15.91 21.36 -28.29
CA PHE A 3 16.77 21.47 -27.09
C PHE A 3 17.46 22.83 -27.06
N TYR A 4 16.64 23.85 -26.79
CA TYR A 4 17.09 25.22 -26.61
C TYR A 4 17.23 25.50 -25.13
N PHE A 5 18.08 26.46 -24.80
CA PHE A 5 18.08 27.08 -23.49
C PHE A 5 17.40 28.43 -23.69
N GLY A 6 16.26 28.62 -23.02
CA GLY A 6 15.50 29.86 -23.13
C GLY A 6 14.51 30.11 -22.01
N TYR A 7 14.15 31.37 -21.85
CA TYR A 7 13.11 31.79 -20.91
C TYR A 7 12.12 32.78 -21.56
N THR A 8 12.07 32.78 -22.89
CA THR A 8 11.28 33.76 -23.65
C THR A 8 10.28 33.07 -24.57
N ASN A 9 9.00 33.35 -24.32
CA ASN A 9 7.87 32.87 -25.13
C ASN A 9 7.74 31.34 -25.09
N VAL A 10 7.93 30.76 -23.91
CA VAL A 10 7.82 29.32 -23.71
C VAL A 10 6.44 29.04 -23.12
N GLU A 11 5.54 28.51 -23.94
CA GLU A 11 4.22 28.09 -23.42
C GLU A 11 4.40 26.79 -22.64
N LEU A 12 3.54 26.58 -21.64
CA LEU A 12 3.64 25.43 -20.71
C LEU A 12 2.28 24.77 -20.51
N LEU A 13 1.94 23.84 -21.39
CA LEU A 13 0.76 22.96 -21.29
C LEU A 13 -0.58 23.67 -21.53
N PHE A 14 -0.82 24.76 -20.81
CA PHE A 14 -2.07 25.50 -20.87
C PHE A 14 -1.87 26.88 -21.49
N ALA A 15 -2.91 27.37 -22.17
CA ALA A 15 -2.83 28.61 -22.94
C ALA A 15 -2.46 29.81 -22.08
N SER A 16 -2.96 29.82 -20.85
CA SER A 16 -2.66 30.90 -19.89
C SER A 16 -1.20 30.86 -19.41
N LEU A 17 -0.64 29.67 -19.27
CA LEU A 17 0.73 29.53 -18.79
C LEU A 17 1.71 29.79 -19.95
N VAL A 18 2.41 30.91 -19.86
CA VAL A 18 3.50 31.30 -20.77
C VAL A 18 4.54 32.03 -19.93
N ILE A 19 5.83 31.92 -20.29
CA ILE A 19 6.89 32.53 -19.48
C ILE A 19 7.86 33.36 -20.33
N ASN A 20 8.02 34.64 -19.97
CA ASN A 20 8.93 35.57 -20.64
C ASN A 20 10.06 36.16 -19.77
N THR A 21 10.05 35.90 -18.46
CA THR A 21 11.15 36.33 -17.56
C THR A 21 11.84 35.10 -16.96
N PRO A 22 13.15 35.22 -16.59
CA PRO A 22 13.82 34.14 -15.85
C PRO A 22 13.20 33.82 -14.48
N GLY A 23 12.66 34.83 -13.80
CA GLY A 23 11.91 34.62 -12.56
C GLY A 23 10.67 33.76 -12.72
N GLU A 24 9.99 33.89 -13.87
CA GLU A 24 8.90 32.98 -14.24
C GLU A 24 9.41 31.58 -14.54
N MET A 25 10.63 31.49 -15.10
CA MET A 25 11.24 30.18 -15.42
C MET A 25 11.48 29.34 -14.16
N VAL A 26 12.13 29.92 -13.15
CA VAL A 26 12.37 29.19 -11.88
C VAL A 26 11.06 28.72 -11.25
N ALA A 27 10.01 29.53 -11.36
CA ALA A 27 8.67 29.11 -10.96
C ALA A 27 8.25 27.86 -11.73
N ALA A 28 8.37 27.92 -13.05
CA ALA A 28 8.06 26.76 -13.90
C ALA A 28 9.01 25.57 -13.63
N CYS A 29 10.28 25.86 -13.40
CA CYS A 29 11.28 24.83 -13.12
C CYS A 29 11.08 24.17 -11.75
N PHE A 30 10.57 24.92 -10.77
CA PHE A 30 10.28 24.36 -9.45
C PHE A 30 9.02 23.50 -9.48
N GLY A 31 8.03 23.93 -10.25
CA GLY A 31 6.78 23.20 -10.41
C GLY A 31 6.96 21.91 -11.18
N CYS A 32 7.65 22.00 -12.32
CA CYS A 32 7.98 20.81 -13.11
C CYS A 32 8.82 19.82 -12.31
N PHE A 33 9.79 20.34 -11.55
CA PHE A 33 10.60 19.53 -10.60
C PHE A 33 9.74 18.84 -9.54
N LEU A 34 8.90 19.60 -8.86
CA LEU A 34 8.00 19.05 -7.85
C LEU A 34 7.03 18.03 -8.43
N LEU A 35 6.54 18.28 -9.64
CA LEU A 35 5.71 17.30 -10.33
C LEU A 35 6.50 16.00 -10.59
N ALA A 36 7.79 16.13 -10.92
CA ALA A 36 8.67 14.98 -11.11
C ALA A 36 8.96 14.20 -9.82
N VAL A 37 9.01 14.91 -8.69
CA VAL A 37 9.16 14.29 -7.37
C VAL A 37 7.86 13.60 -6.99
N LEU A 38 6.78 14.39 -6.92
CA LEU A 38 5.43 13.88 -6.64
C LEU A 38 5.12 12.63 -7.43
N TYR A 39 5.51 12.62 -8.69
CA TYR A 39 5.33 11.46 -9.56
C TYR A 39 6.04 10.20 -9.03
N GLU A 40 7.38 10.22 -8.96
CA GLU A 40 8.15 9.04 -8.56
C GLU A 40 7.74 8.56 -7.15
N GLY A 41 7.37 9.50 -6.29
CA GLY A 41 6.71 9.21 -5.01
C GLY A 41 5.39 8.48 -5.20
N LEU A 42 4.47 9.09 -5.94
CA LEU A 42 3.16 8.49 -6.27
C LEU A 42 3.29 7.01 -6.66
N LYS A 43 4.22 6.73 -7.58
CA LYS A 43 4.48 5.37 -8.06
C LYS A 43 4.87 4.42 -6.92
N ILE A 44 5.79 4.86 -6.06
CA ILE A 44 6.28 4.05 -4.93
C ILE A 44 5.18 3.88 -3.91
N GLY A 45 4.67 5.00 -3.42
CA GLY A 45 3.55 5.02 -2.50
C GLY A 45 2.37 4.17 -2.93
N ARG A 46 2.12 4.08 -4.24
CA ARG A 46 1.05 3.22 -4.76
C ARG A 46 1.37 1.72 -4.67
N GLU A 47 2.65 1.37 -4.86
CA GLU A 47 3.13 -0.01 -4.72
C GLU A 47 3.13 -0.45 -3.24
N PHE A 48 3.66 0.40 -2.37
CA PHE A 48 3.66 0.17 -0.92
C PHE A 48 2.29 -0.29 -0.44
N LEU A 49 1.23 0.44 -0.82
CA LEU A 49 -0.16 0.05 -0.51
C LEU A 49 -0.58 -1.30 -1.10
N LEU A 50 -0.18 -1.54 -2.35
CA LEU A 50 -0.46 -2.80 -3.04
C LEU A 50 0.22 -4.00 -2.36
N ARG A 51 1.47 -3.83 -1.93
CA ARG A 51 2.18 -4.89 -1.22
C ARG A 51 1.62 -5.10 0.19
N ARG A 52 1.13 -4.03 0.82
CA ARG A 52 0.41 -4.15 2.10
C ARG A 52 -0.85 -5.03 2.00
N ASN A 53 -1.53 -5.02 0.85
CA ASN A 53 -2.65 -5.93 0.57
C ASN A 53 -2.11 -7.13 -0.20
N ASP A 55 -0.35 -9.17 1.38
CA ASP A 55 0.00 -9.64 2.70
C ASP A 55 -1.26 -10.03 3.47
N LEU A 56 -2.14 -9.07 3.75
CA LEU A 56 -3.43 -9.35 4.41
C LEU A 56 -4.28 -10.32 3.60
N GLU A 57 -4.39 -10.10 2.29
CA GLU A 57 -5.12 -11.01 1.42
C GLU A 57 -4.63 -12.46 1.55
N ASP A 58 -3.33 -12.64 1.84
CA ASP A 58 -2.80 -13.96 2.19
C ASP A 58 -3.17 -14.36 3.61
N ASN A 59 -2.81 -13.54 4.59
CA ASN A 59 -3.14 -13.80 6.01
C ASN A 59 -4.59 -14.26 6.16
N TRP A 60 -5.51 -13.49 5.59
CA TRP A 60 -6.94 -13.82 5.64
C TRP A 60 -7.22 -15.17 5.01
N GLU A 61 -6.73 -15.40 3.80
CA GLU A 61 -6.96 -16.69 3.12
C GLU A 61 -6.12 -17.84 3.70
N THR A 62 -5.03 -17.52 4.41
CA THR A 62 -4.27 -18.52 5.16
C THR A 62 -5.08 -19.09 6.33
N LEU A 63 -5.69 -18.19 7.10
CA LEU A 63 -6.57 -18.58 8.20
C LEU A 63 -7.72 -19.44 7.68
N ASN A 64 -8.43 -18.95 6.65
CA ASN A 64 -9.59 -19.66 6.12
C ASN A 64 -9.28 -20.92 5.31
N ASP A 65 -8.08 -21.00 4.71
CA ASP A 65 -7.64 -22.24 4.05
C ASP A 65 -7.19 -23.30 5.07
N ASN A 66 -6.51 -22.86 6.14
CA ASN A 66 -6.08 -23.77 7.23
C ASN A 66 -7.23 -24.34 8.07
N LEU A 67 -8.28 -23.55 8.28
CA LEU A 67 -9.52 -24.05 8.92
C LEU A 67 -10.19 -25.12 8.08
N LYS A 68 -10.25 -24.91 6.77
CA LYS A 68 -10.76 -25.90 5.83
C LYS A 68 -9.86 -27.15 5.80
N VAL A 69 -8.55 -26.95 5.93
CA VAL A 69 -7.58 -28.05 6.08
C VAL A 69 -7.78 -28.83 7.38
N ILE A 70 -8.06 -28.12 8.47
CA ILE A 70 -8.27 -28.74 9.79
C ILE A 70 -9.58 -29.56 9.87
N GLU A 71 -10.66 -29.06 9.27
CA GLU A 71 -11.96 -29.78 9.25
C GLU A 71 -11.93 -31.10 8.47
N ALA A 76 -4.80 -38.38 12.09
CA ALA A 76 -5.13 -37.01 11.73
C ALA A 76 -4.70 -36.03 12.83
N ALA A 77 -3.40 -36.01 13.10
CA ALA A 77 -2.77 -35.02 14.01
C ALA A 77 -1.79 -34.10 13.26
N GLN A 78 -2.24 -33.61 12.09
CA GLN A 78 -1.54 -32.59 11.30
C GLN A 78 -2.10 -31.19 11.61
N VAL A 79 -3.20 -31.15 12.36
CA VAL A 79 -3.94 -29.93 12.71
C VAL A 79 -3.07 -28.90 13.44
N LYS A 80 -2.28 -29.37 14.41
CA LYS A 80 -1.36 -28.50 15.18
C LYS A 80 -0.40 -27.65 14.33
N ASP A 81 0.05 -28.20 13.20
CA ASP A 81 0.90 -27.46 12.24
C ASP A 81 0.13 -26.39 11.47
N ALA A 82 -1.05 -26.77 10.96
CA ALA A 82 -1.96 -25.81 10.32
C ALA A 82 -2.29 -24.65 11.26
N LEU A 83 -2.51 -24.96 12.54
CA LEU A 83 -2.74 -23.95 13.58
C LEU A 83 -1.51 -23.06 13.87
N THR A 84 -0.30 -23.61 13.73
CA THR A 84 0.95 -22.82 13.84
C THR A 84 1.04 -21.75 12.73
N LYS A 85 0.69 -22.17 11.51
CA LYS A 85 0.57 -21.27 10.36
C LYS A 85 -0.52 -20.21 10.58
N MET A 86 -1.64 -20.62 11.16
CA MET A 86 -2.72 -19.69 11.54
C MET A 86 -2.34 -18.70 12.64
N ARG A 87 -1.39 -19.06 13.51
CA ARG A 87 -0.96 -18.17 14.58
C ARG A 87 -0.15 -16.99 14.04
N ALA A 88 0.83 -17.28 13.19
CA ALA A 88 1.68 -16.26 12.54
C ALA A 88 0.85 -15.31 11.70
N ALA A 89 -0.06 -15.88 10.91
CA ALA A 89 -1.03 -15.15 10.11
C ALA A 89 -1.87 -14.18 10.95
N ALA A 90 -2.33 -14.62 12.11
CA ALA A 90 -3.16 -13.81 13.00
C ALA A 90 -2.47 -12.56 13.55
N LEU A 91 -1.14 -12.63 13.72
CA LEU A 91 -0.38 -11.54 14.33
C LEU A 91 -0.09 -10.41 13.35
N ASP A 92 0.47 -10.75 12.19
CA ASP A 92 0.75 -9.75 11.13
C ASP A 92 -0.56 -9.12 10.65
N ALA A 93 -1.65 -9.89 10.70
CA ALA A 93 -3.00 -9.35 10.39
C ALA A 93 -3.46 -8.27 11.38
N GLN A 94 -3.15 -8.46 12.67
CA GLN A 94 -3.51 -7.48 13.73
C GLN A 94 -2.74 -6.15 13.62
N LYS A 95 -1.48 -6.22 13.19
CA LYS A 95 -0.67 -5.01 12.95
C LYS A 95 -1.35 -4.04 11.99
N ALA A 96 -2.01 -4.58 10.97
CA ALA A 96 -2.60 -3.80 9.87
C ALA A 96 -3.51 -2.65 10.31
N THR A 97 -3.63 -1.66 9.44
CA THR A 97 -4.32 -0.40 9.73
C THR A 97 -4.68 0.31 8.40
N PRO A 98 -5.82 1.06 8.35
CA PRO A 98 -6.18 1.67 7.07
C PRO A 98 -5.28 2.87 6.73
N PRO A 99 -5.20 3.25 5.43
CA PRO A 99 -4.30 4.33 5.01
C PRO A 99 -4.72 5.71 5.53
N LYS A 100 -3.75 6.52 5.95
CA LYS A 100 -4.00 7.82 6.60
C LYS A 100 -4.77 8.82 5.72
N SER A 108 -9.79 5.42 14.91
CA SER A 108 -9.32 4.59 16.02
C SER A 108 -10.40 3.74 16.73
N PRO A 109 -11.69 4.13 16.67
CA PRO A 109 -12.75 3.30 17.30
C PRO A 109 -13.03 1.92 16.69
N GLU A 110 -13.03 1.84 15.36
CA GLU A 110 -13.22 0.55 14.66
C GLU A 110 -11.95 -0.31 14.76
N MET A 111 -10.79 0.36 14.68
CA MET A 111 -9.48 -0.30 14.84
C MET A 111 -9.27 -0.98 16.20
N LYS A 112 -9.73 -0.34 17.27
CA LYS A 112 -9.67 -0.92 18.62
C LYS A 112 -10.56 -2.16 18.76
N ASP A 113 -11.68 -2.20 18.02
CA ASP A 113 -12.54 -3.38 17.91
C ASP A 113 -11.86 -4.52 17.13
N PHE A 114 -11.26 -4.15 15.99
CA PHE A 114 -10.55 -5.07 15.10
C PHE A 114 -9.32 -5.69 15.77
N ARG A 115 -8.47 -4.87 16.39
CA ARG A 115 -7.25 -5.34 17.06
C ARG A 115 -7.52 -6.16 18.33
N HIS A 116 -8.52 -5.74 19.11
CA HIS A 116 -8.89 -6.46 20.35
C HIS A 116 -9.57 -7.82 20.05
N GLY A 117 -10.25 -7.93 18.91
CA GLY A 117 -10.75 -9.22 18.42
C GLY A 117 -9.64 -10.21 18.07
N PHE A 118 -8.53 -9.71 17.53
CA PHE A 118 -7.38 -10.56 17.17
C PHE A 118 -6.61 -11.13 18.35
N ASP A 119 -6.69 -10.46 19.51
CA ASP A 119 -6.08 -10.97 20.74
C ASP A 119 -6.64 -12.38 21.09
N ILE A 120 -7.96 -12.51 21.01
CA ILE A 120 -8.66 -13.78 21.25
C ILE A 120 -8.20 -14.87 20.29
N LEU A 121 -8.24 -14.58 18.99
CA LEU A 121 -7.82 -15.51 17.92
C LEU A 121 -6.44 -16.17 18.15
N VAL A 122 -5.53 -15.43 18.76
CA VAL A 122 -4.21 -15.96 19.15
C VAL A 122 -4.37 -16.93 20.33
N GLY A 123 -5.06 -16.48 21.37
CA GLY A 123 -5.29 -17.29 22.57
C GLY A 123 -6.09 -18.55 22.31
N GLN A 124 -7.15 -18.44 21.51
CA GLN A 124 -7.95 -19.59 21.07
C GLN A 124 -7.12 -20.62 20.29
N ILE A 125 -6.17 -20.13 19.48
CA ILE A 125 -5.24 -21.01 18.74
C ILE A 125 -4.22 -21.66 19.67
N ASP A 126 -3.77 -20.92 20.69
CA ASP A 126 -2.87 -21.47 21.72
C ASP A 126 -3.53 -22.58 22.54
N ASP A 127 -4.81 -22.41 22.88
CA ASP A 127 -5.57 -23.44 23.61
C ASP A 127 -5.79 -24.70 22.78
N ALA A 128 -6.22 -24.54 21.53
CA ALA A 128 -6.40 -25.69 20.62
C ALA A 128 -5.08 -26.35 20.19
N LEU A 129 -3.96 -25.66 20.39
CA LEU A 129 -2.61 -26.25 20.28
C LEU A 129 -2.15 -26.92 21.59
N LYS A 130 -2.55 -26.35 22.73
CA LYS A 130 -2.32 -26.95 24.07
C LYS A 130 -3.02 -28.30 24.24
N LEU A 131 -4.14 -28.49 23.57
CA LEU A 131 -4.79 -29.79 23.46
C LEU A 131 -3.98 -30.69 22.52
N ALA A 132 -3.64 -30.16 21.34
CA ALA A 132 -2.92 -30.93 20.29
C ALA A 132 -1.47 -31.30 20.64
N ASN A 133 -0.85 -30.55 21.55
CA ASN A 133 0.50 -30.88 22.07
C ASN A 133 0.46 -32.04 23.09
N GLU A 134 -0.64 -32.13 23.84
CA GLU A 134 -0.88 -33.24 24.78
C GLU A 134 -1.29 -34.54 24.08
N GLY A 135 -1.80 -34.45 22.84
CA GLY A 135 -2.24 -35.60 22.04
C GLY A 135 -3.70 -35.64 21.64
N LYS A 136 -4.48 -34.63 22.04
CA LYS A 136 -5.92 -34.61 21.87
C LYS A 136 -6.33 -34.15 20.44
N VAL A 137 -6.97 -35.06 19.70
CA VAL A 137 -7.25 -34.86 18.27
C VAL A 137 -8.61 -34.18 18.05
N LYS A 138 -9.69 -34.87 18.43
CA LYS A 138 -11.06 -34.39 18.17
C LYS A 138 -11.47 -33.14 18.99
N GLU A 139 -10.81 -32.92 20.13
CA GLU A 139 -11.10 -31.79 21.01
C GLU A 139 -10.57 -30.47 20.43
N ALA A 140 -9.39 -30.52 19.82
CA ALA A 140 -8.82 -29.36 19.11
C ALA A 140 -9.61 -29.00 17.84
N GLN A 141 -10.16 -30.02 17.15
CA GLN A 141 -11.03 -29.82 15.98
C GLN A 141 -12.31 -29.06 16.32
N ALA A 142 -12.91 -29.38 17.46
CA ALA A 142 -14.09 -28.69 17.96
C ALA A 142 -13.76 -27.27 18.45
N ALA A 143 -12.58 -27.12 19.08
CA ALA A 143 -12.07 -25.80 19.50
C ALA A 143 -11.75 -24.89 18.31
N ALA A 144 -11.21 -25.50 17.24
CA ALA A 144 -11.01 -24.80 15.98
C ALA A 144 -12.34 -24.28 15.40
N GLU A 145 -13.39 -25.09 15.44
CA GLU A 145 -14.73 -24.67 14.98
C GLU A 145 -15.34 -23.52 15.82
N GLN A 146 -14.85 -23.31 17.05
CA GLN A 146 -15.23 -22.13 17.85
C GLN A 146 -14.57 -20.82 17.37
N LEU A 147 -13.43 -20.92 16.67
CA LEU A 147 -12.79 -19.75 16.04
C LEU A 147 -13.69 -19.08 15.00
N LYS A 148 -14.46 -19.88 14.27
CA LYS A 148 -15.38 -19.37 13.24
C LYS A 148 -16.48 -18.45 13.79
N THR A 149 -16.77 -18.53 15.09
CA THR A 149 -17.64 -17.57 15.75
C THR A 149 -16.93 -16.21 15.89
N THR A 150 -15.67 -16.25 16.32
CA THR A 150 -14.91 -15.06 16.66
C THR A 150 -14.47 -14.22 15.44
N ARG A 151 -13.86 -14.87 14.45
CA ARG A 151 -13.45 -14.17 13.21
C ARG A 151 -14.62 -13.50 12.48
N ASN A 152 -15.78 -14.15 12.50
CA ASN A 152 -17.00 -13.58 11.94
C ASN A 152 -17.48 -12.40 12.78
N ALA A 153 -17.42 -12.56 14.10
CA ALA A 153 -17.88 -11.53 15.05
C ALA A 153 -17.22 -10.16 14.88
N TYR A 154 -15.89 -10.16 14.66
CA TYR A 154 -15.10 -8.91 14.63
C TYR A 154 -14.41 -8.62 13.29
N ILE A 155 -13.62 -9.58 12.80
CA ILE A 155 -12.65 -9.32 11.73
C ILE A 155 -13.24 -9.37 10.32
N GLN A 156 -14.08 -10.38 10.03
CA GLN A 156 -14.60 -10.63 8.66
C GLN A 156 -15.20 -9.40 7.94
N LYS A 157 -15.87 -8.52 8.69
CA LYS A 157 -16.41 -7.28 8.10
C LYS A 157 -15.31 -6.23 7.87
N TYR A 158 -14.35 -6.15 8.78
CA TYR A 158 -13.33 -5.11 8.78
C TYR A 158 -11.96 -5.68 8.39
N GLN A 160 -11.98 -6.67 5.38
CA GLN A 160 -12.75 -6.74 4.15
C GLN A 160 -13.19 -5.36 3.65
N ARG A 161 -13.59 -4.47 4.58
CA ARG A 161 -13.81 -3.05 4.25
C ARG A 161 -12.47 -2.37 3.99
N MET A 162 -11.53 -2.60 4.92
CA MET A 162 -10.13 -2.15 4.79
C MET A 162 -9.55 -2.53 3.43
N LEU A 163 -9.85 -3.75 2.96
CA LEU A 163 -9.39 -4.24 1.67
C LEU A 163 -10.00 -3.50 0.49
N SER A 164 -11.31 -3.32 0.51
CA SER A 164 -12.00 -2.61 -0.59
C SER A 164 -11.58 -1.14 -0.66
N MET A 165 -11.57 -0.47 0.48
CA MET A 165 -11.08 0.92 0.58
C MET A 165 -9.70 1.09 -0.04
N ALA A 166 -8.82 0.10 0.15
CA ALA A 166 -7.45 0.15 -0.39
C ALA A 166 -7.39 0.05 -1.91
N HIS A 167 -8.11 -0.91 -2.50
CA HIS A 167 -8.12 -1.06 -3.98
C HIS A 167 -8.71 0.17 -4.67
N LEU A 168 -9.79 0.71 -4.10
CA LEU A 168 -10.40 1.94 -4.64
C LEU A 168 -9.47 3.13 -4.55
N LEU A 169 -8.79 3.27 -3.41
CA LEU A 169 -7.78 4.32 -3.24
C LEU A 169 -6.67 4.16 -4.29
N GLN A 170 -6.25 2.91 -4.49
CA GLN A 170 -5.18 2.57 -5.45
C GLN A 170 -5.59 2.74 -6.93
N THR A 171 -6.87 2.59 -7.25
CA THR A 171 -7.41 2.96 -8.57
C THR A 171 -7.28 4.48 -8.80
N VAL A 172 -7.77 5.24 -7.83
CA VAL A 172 -7.69 6.69 -7.85
C VAL A 172 -6.24 7.18 -7.97
N LEU A 173 -5.30 6.50 -7.30
CA LEU A 173 -3.89 6.84 -7.48
C LEU A 173 -3.36 6.56 -8.89
N HIS A 174 -3.69 5.38 -9.44
CA HIS A 174 -3.27 5.03 -10.81
C HIS A 174 -3.74 6.07 -11.80
N VAL A 175 -5.04 6.42 -11.74
CA VAL A 175 -5.62 7.50 -12.56
C VAL A 175 -4.71 8.72 -12.56
N ILE A 176 -4.45 9.26 -11.37
CA ILE A 176 -3.63 10.47 -11.24
C ILE A 176 -2.20 10.20 -11.71
N GLN A 177 -1.70 9.01 -11.44
CA GLN A 177 -0.35 8.65 -11.86
C GLN A 177 -0.19 8.69 -13.38
N VAL A 178 -1.25 8.33 -14.10
CA VAL A 178 -1.24 8.33 -15.57
C VAL A 178 -1.29 9.75 -16.14
N VAL A 179 -2.16 10.58 -15.59
CA VAL A 179 -2.22 11.99 -15.97
C VAL A 179 -0.85 12.66 -15.76
N VAL A 180 -0.34 12.59 -14.54
CA VAL A 180 0.94 13.22 -14.16
C VAL A 180 2.10 12.75 -15.05
N SER A 181 2.05 11.48 -15.48
CA SER A 181 3.07 10.98 -16.38
C SER A 181 2.96 11.77 -17.66
N TYR A 182 1.78 11.76 -18.27
CA TYR A 182 1.55 12.50 -19.52
C TYR A 182 1.93 13.96 -19.42
N PHE A 183 1.63 14.59 -18.29
CA PHE A 183 1.97 16.00 -18.11
C PHE A 183 3.49 16.21 -18.13
N LEU A 184 4.23 15.34 -17.47
CA LEU A 184 5.70 15.42 -17.51
C LEU A 184 6.28 15.16 -18.92
N MET A 185 5.57 14.41 -19.75
CA MET A 185 5.98 14.20 -21.14
C MET A 185 5.78 15.46 -21.98
N LEU A 186 4.65 16.12 -21.75
CA LEU A 186 4.34 17.37 -22.41
C LEU A 186 5.37 18.44 -22.04
N VAL A 187 5.72 18.57 -20.76
CA VAL A 187 6.71 19.59 -20.38
C VAL A 187 8.07 19.24 -20.97
N PHE A 188 8.41 17.95 -21.04
CA PHE A 188 9.68 17.54 -21.62
C PHE A 188 9.71 17.83 -23.13
N MET A 189 8.55 17.68 -23.76
CA MET A 189 8.36 17.97 -25.18
C MET A 189 8.44 19.47 -25.53
N THR A 190 8.34 20.36 -24.54
CA THR A 190 8.63 21.79 -24.78
C THR A 190 10.05 21.99 -25.30
N TYR A 191 10.92 20.99 -25.10
CA TYR A 191 12.27 20.96 -25.62
C TYR A 191 13.13 22.05 -25.00
N ASN A 192 12.74 22.49 -23.80
CA ASN A 192 13.40 23.58 -23.09
C ASN A 192 14.27 22.96 -22.00
N ALA A 193 15.59 23.01 -22.21
CA ALA A 193 16.55 22.32 -21.34
C ALA A 193 16.43 22.63 -19.84
N TYR A 194 16.02 23.85 -19.47
CA TYR A 194 15.78 24.18 -18.05
C TYR A 194 14.61 23.41 -17.45
N LEU A 195 13.54 23.23 -18.24
CA LEU A 195 12.41 22.38 -17.84
C LEU A 195 12.80 20.90 -17.87
N CYS A 196 13.38 20.47 -18.98
CA CYS A 196 13.80 19.07 -19.15
C CYS A 196 14.70 18.60 -18.03
N MET A 197 15.67 19.43 -17.68
CA MET A 197 16.54 19.14 -16.55
C MET A 197 15.73 19.14 -15.27
N ALA A 198 14.91 20.18 -15.07
CA ALA A 198 14.05 20.27 -13.86
C ALA A 198 13.29 18.98 -13.59
N VAL A 199 12.71 18.40 -14.63
CA VAL A 199 11.99 17.14 -14.54
C VAL A 199 12.95 16.00 -14.21
N ALA A 200 13.97 15.83 -15.04
CA ALA A 200 14.93 14.74 -14.90
C ALA A 200 15.56 14.70 -13.51
N ALA A 201 16.05 15.86 -13.07
CA ALA A 201 16.62 15.98 -11.72
C ALA A 201 15.58 15.71 -10.63
N GLY A 202 14.35 16.15 -10.84
CA GLY A 202 13.25 15.85 -9.93
C GLY A 202 12.95 14.36 -9.83
N ALA A 203 12.92 13.68 -10.98
CA ALA A 203 12.75 12.23 -11.02
C ALA A 203 13.91 11.53 -10.32
N GLY A 204 15.13 12.03 -10.53
CA GLY A 204 16.33 11.47 -9.91
C GLY A 204 16.30 11.50 -8.40
N LEU A 205 16.10 12.70 -7.86
CA LEU A 205 16.07 12.92 -6.41
C LEU A 205 14.80 12.36 -5.78
N GLY A 206 13.65 12.72 -6.32
CA GLY A 206 12.35 12.25 -5.83
C GLY A 206 12.31 10.75 -5.54
N TYR A 207 12.82 9.95 -6.47
CA TYR A 207 12.93 8.50 -6.29
C TYR A 207 13.78 8.18 -5.07
N PHE A 208 14.95 8.81 -4.96
CA PHE A 208 15.87 8.60 -3.83
C PHE A 208 15.22 8.84 -2.48
N LEU A 209 14.44 9.90 -2.36
CA LEU A 209 13.81 10.27 -1.08
C LEU A 209 12.73 9.29 -0.69
N PHE A 210 11.78 9.03 -1.58
CA PHE A 210 10.72 8.07 -1.28
C PHE A 210 11.21 6.60 -1.29
N SER A 211 12.37 6.34 -1.92
CA SER A 211 13.09 5.05 -1.78
C SER A 211 13.60 4.90 -0.35
N TRP A 212 14.21 5.97 0.16
CA TRP A 212 14.70 6.03 1.55
C TRP A 212 13.57 5.86 2.59
N LYS A 213 12.35 6.32 2.27
CA LYS A 213 11.18 6.26 3.17
C LYS A 213 10.55 4.87 3.32
N LYS A 214 10.54 4.07 2.25
CA LYS A 214 10.05 2.68 2.34
C LYS A 214 11.05 1.76 3.07
N ALA A 215 12.35 2.05 2.91
CA ALA A 215 13.41 1.39 3.69
C ALA A 215 13.33 1.71 5.20
N VAL A 216 12.83 2.90 5.54
CA VAL A 216 12.53 3.27 6.94
C VAL A 216 11.34 2.44 7.49
N VAL A 217 10.32 2.22 6.67
CA VAL A 217 9.15 1.42 7.06
C VAL A 217 9.47 -0.08 7.17
CU CU1 B . 5.48 14.52 -27.84
CU CU1 C . 5.84 9.13 -23.05
ZN ZN D . 10.58 5.34 -11.75
#